data_4ION
#
_entry.id   4ION
#
_cell.length_a   64.443
_cell.length_b   64.443
_cell.length_c   156.866
_cell.angle_alpha   90.000
_cell.angle_beta   90.000
_cell.angle_gamma   120.000
#
_symmetry.space_group_name_H-M   'P 31 2 1'
#
loop_
_entity.id
_entity.type
_entity.pdbx_description
1 polymer 'Ricin B-like lectin'
2 non-polymer GLYCEROL
3 water water
#
_entity_poly.entity_id   1
_entity_poly.type   'polypeptide(L)'
_entity_poly.pdbx_seq_one_letter_code
;STQVSSGQTYKITNVKAGTVIDLSGEDNKSIIGYPYHSGKNQQWTFNWTGKAWTLRSASSGSYLGIEGTPADGTRLVAVN
DPFEWHIWRDEANENAFRIFVPFTNYNLDLSGYGDTTPGTPVQLWWTWEGLHQTWTIDRP
;
_entity_poly.pdbx_strand_id   A,B
#
# COMPACT_ATOMS: atom_id res chain seq x y z
N SER A 1 18.37 14.29 -14.20
CA SER A 1 17.57 13.09 -14.56
C SER A 1 18.34 11.85 -14.08
N THR A 2 17.67 10.70 -14.12
CA THR A 2 18.29 9.42 -13.72
C THR A 2 18.44 8.47 -14.91
N GLN A 3 19.68 8.14 -15.26
CA GLN A 3 19.98 7.20 -16.35
C GLN A 3 19.63 5.77 -15.94
N VAL A 4 18.95 5.07 -16.86
CA VAL A 4 18.72 3.62 -16.74
C VAL A 4 19.93 2.85 -17.31
N SER A 5 20.60 2.10 -16.43
CA SER A 5 21.88 1.49 -16.75
C SER A 5 21.95 0.03 -16.36
N SER A 6 22.53 -0.76 -17.26
CA SER A 6 22.62 -2.20 -17.07
C SER A 6 23.49 -2.49 -15.86
N GLY A 7 23.04 -3.41 -15.02
CA GLY A 7 23.72 -3.72 -13.76
C GLY A 7 23.28 -2.94 -12.53
N GLN A 8 22.46 -1.90 -12.71
CA GLN A 8 22.03 -1.03 -11.64
C GLN A 8 20.64 -1.36 -11.15
N THR A 9 20.35 -0.92 -9.93
CA THR A 9 19.09 -1.27 -9.25
C THR A 9 18.22 -0.03 -9.00
N TYR A 10 16.92 -0.18 -9.27
CA TYR A 10 15.98 0.96 -9.21
C TYR A 10 14.67 0.61 -8.53
N LYS A 11 13.95 1.64 -8.08
CA LYS A 11 12.49 1.48 -7.85
C LYS A 11 11.73 2.01 -9.07
N ILE A 12 10.50 1.54 -9.22
CA ILE A 12 9.70 1.93 -10.40
C ILE A 12 8.39 2.50 -9.91
N THR A 13 8.19 3.81 -10.07
CA THR A 13 7.09 4.54 -9.42
C THR A 13 5.98 4.87 -10.43
N ASN A 14 4.72 4.59 -10.08
CA ASN A 14 3.63 4.96 -10.99
C ASN A 14 3.41 6.49 -10.97
N VAL A 15 3.31 7.12 -12.14
CA VAL A 15 3.23 8.57 -12.18
C VAL A 15 1.92 9.08 -11.56
N LYS A 16 0.84 8.35 -11.84
CA LYS A 16 -0.47 8.74 -11.34
C LYS A 16 -0.65 8.49 -9.84
N ALA A 17 -0.29 7.29 -9.39
CA ALA A 17 -0.60 6.84 -8.02
C ALA A 17 0.50 7.09 -6.99
N GLY A 18 1.75 7.18 -7.44
CA GLY A 18 2.87 7.40 -6.51
C GLY A 18 3.33 6.16 -5.78
N THR A 19 2.58 5.08 -5.96
CA THR A 19 3.03 3.78 -5.45
C THR A 19 4.11 3.13 -6.36
N VAL A 20 4.74 2.06 -5.87
CA VAL A 20 5.82 1.38 -6.63
C VAL A 20 5.50 -0.06 -6.99
N ILE A 21 6.18 -0.58 -8.03
CA ILE A 21 6.07 -1.99 -8.40
C ILE A 21 6.70 -2.85 -7.31
N ASP A 22 5.89 -3.72 -6.72
CA ASP A 22 6.25 -4.39 -5.47
C ASP A 22 5.97 -5.88 -5.65
N LEU A 23 6.97 -6.72 -5.37
CA LEU A 23 6.76 -8.17 -5.32
C LEU A 23 6.13 -8.55 -3.99
N SER A 24 4.88 -8.97 -4.05
CA SER A 24 4.06 -9.09 -2.83
C SER A 24 4.73 -9.99 -1.78
N GLY A 25 4.81 -9.46 -0.55
CA GLY A 25 5.37 -10.22 0.58
C GLY A 25 4.51 -11.41 0.95
N GLU A 26 3.25 -11.41 0.52
CA GLU A 26 2.32 -12.46 0.91
C GLU A 26 2.55 -13.79 0.18
N ASP A 27 2.93 -13.70 -1.10
CA ASP A 27 3.17 -14.90 -1.88
C ASP A 27 4.50 -14.95 -2.64
N ASN A 28 5.29 -13.87 -2.56
CA ASN A 28 6.50 -13.71 -3.40
C ASN A 28 6.26 -14.11 -4.87
N LYS A 29 5.04 -13.86 -5.35
CA LYS A 29 4.70 -14.12 -6.75
C LYS A 29 3.94 -12.95 -7.40
N SER A 30 2.93 -12.40 -6.73
CA SER A 30 2.07 -11.38 -7.32
C SER A 30 2.75 -10.02 -7.35
N ILE A 31 2.55 -9.26 -8.42
CA ILE A 31 3.13 -7.91 -8.53
C ILE A 31 2.01 -6.86 -8.33
N ILE A 32 2.25 -5.95 -7.38
CA ILE A 32 1.24 -5.04 -6.90
C ILE A 32 1.84 -3.65 -6.81
N GLY A 33 0.96 -2.63 -6.80
CA GLY A 33 1.39 -1.26 -6.42
C GLY A 33 1.32 -1.08 -4.93
N TYR A 34 2.44 -0.70 -4.33
CA TYR A 34 2.51 -0.49 -2.87
C TYR A 34 3.34 0.73 -2.53
N PRO A 35 2.95 1.48 -1.48
CA PRO A 35 3.81 2.59 -1.05
C PRO A 35 5.27 2.17 -0.86
N TYR A 36 6.23 3.03 -1.27
CA TYR A 36 7.65 2.70 -1.12
C TYR A 36 8.08 2.78 0.34
N HIS A 37 8.80 1.75 0.79
CA HIS A 37 9.40 1.71 2.13
C HIS A 37 10.80 1.13 2.09
N SER A 38 11.48 1.27 0.95
CA SER A 38 12.83 0.78 0.77
C SER A 38 12.98 -0.75 0.88
N GLY A 39 11.91 -1.50 0.67
CA GLY A 39 12.05 -2.98 0.63
C GLY A 39 12.85 -3.50 -0.55
N LYS A 40 13.62 -4.59 -0.36
CA LYS A 40 14.35 -5.17 -1.46
C LYS A 40 13.37 -5.77 -2.46
N ASN A 41 12.21 -6.19 -1.96
CA ASN A 41 11.10 -6.59 -2.82
C ASN A 41 10.48 -5.45 -3.64
N GLN A 42 11.00 -4.24 -3.48
CA GLN A 42 10.43 -3.08 -4.19
C GLN A 42 11.53 -2.53 -5.09
N GLN A 43 12.53 -3.36 -5.34
CA GLN A 43 13.78 -2.90 -6.00
C GLN A 43 14.13 -3.91 -7.08
N TRP A 44 14.54 -3.40 -8.24
CA TRP A 44 14.59 -4.19 -9.45
C TRP A 44 15.89 -3.90 -10.21
N THR A 45 16.65 -4.95 -10.47
CA THR A 45 18.00 -4.81 -11.09
C THR A 45 17.85 -4.95 -12.62
N PHE A 46 18.22 -3.90 -13.35
CA PHE A 46 18.04 -3.85 -14.81
C PHE A 46 19.28 -4.43 -15.48
N ASN A 47 19.07 -5.39 -16.39
CA ASN A 47 20.14 -5.86 -17.30
C ASN A 47 19.76 -5.59 -18.76
N TRP A 48 20.68 -5.03 -19.55
CA TRP A 48 20.48 -4.97 -21.00
C TRP A 48 21.04 -6.23 -21.65
N THR A 49 20.21 -6.93 -22.41
CA THR A 49 20.67 -8.22 -22.95
C THR A 49 21.38 -8.03 -24.28
N GLY A 50 21.42 -6.78 -24.75
CA GLY A 50 21.76 -6.48 -26.12
C GLY A 50 20.58 -6.05 -27.00
N LYS A 51 19.35 -6.37 -26.58
CA LYS A 51 18.17 -6.02 -27.37
C LYS A 51 16.96 -5.64 -26.52
N ALA A 52 17.04 -5.92 -25.23
CA ALA A 52 15.93 -5.60 -24.34
C ALA A 52 16.43 -5.59 -22.90
N TRP A 53 15.55 -5.13 -22.00
CA TRP A 53 15.80 -5.07 -20.58
C TRP A 53 15.14 -6.25 -19.89
N THR A 54 15.86 -6.84 -18.95
CA THR A 54 15.26 -7.72 -17.93
C THR A 54 15.32 -7.05 -16.54
N LEU A 55 14.34 -7.37 -15.69
CA LEU A 55 14.15 -6.71 -14.39
C LEU A 55 14.10 -7.80 -13.32
N ARG A 56 15.15 -7.87 -12.51
CA ARG A 56 15.30 -8.93 -11.52
C ARG A 56 15.02 -8.39 -10.12
N SER A 57 14.19 -9.13 -9.37
CA SER A 57 13.89 -8.76 -7.99
C SER A 57 15.15 -8.82 -7.12
N ALA A 58 15.47 -7.70 -6.45
CA ALA A 58 16.60 -7.58 -5.53
C ALA A 58 16.45 -8.46 -4.32
N SER A 59 15.23 -8.83 -3.99
CA SER A 59 14.98 -9.72 -2.86
C SER A 59 14.99 -11.22 -3.23
N SER A 60 14.30 -11.62 -4.31
CA SER A 60 14.07 -13.03 -4.55
C SER A 60 14.91 -13.62 -5.68
N GLY A 61 15.33 -12.79 -6.64
CA GLY A 61 16.08 -13.30 -7.81
C GLY A 61 15.22 -13.81 -8.97
N SER A 62 13.91 -13.75 -8.76
CA SER A 62 12.94 -13.96 -9.84
C SER A 62 12.99 -12.74 -10.73
N TYR A 63 12.49 -12.90 -11.95
CA TYR A 63 12.37 -11.77 -12.89
C TYR A 63 10.91 -11.27 -12.97
N LEU A 64 10.73 -10.00 -13.36
CA LEU A 64 9.41 -9.45 -13.67
C LEU A 64 8.94 -9.97 -15.02
N GLY A 65 7.84 -10.68 -15.03
CA GLY A 65 7.31 -11.25 -16.29
C GLY A 65 5.82 -11.47 -16.28
N ILE A 66 5.37 -12.27 -17.23
CA ILE A 66 3.97 -12.68 -17.34
C ILE A 66 3.97 -14.18 -17.65
N GLU A 67 2.83 -14.80 -17.44
CA GLU A 67 2.57 -16.15 -17.97
C GLU A 67 1.39 -16.11 -18.95
N GLY A 68 1.56 -16.79 -20.08
CA GLY A 68 0.51 -16.87 -21.10
C GLY A 68 0.39 -15.63 -21.98
N THR A 69 -0.63 -15.63 -22.82
CA THR A 69 -0.74 -14.71 -23.95
C THR A 69 -1.10 -13.30 -23.48
N PRO A 70 -0.36 -12.29 -23.97
CA PRO A 70 -0.66 -10.91 -23.56
C PRO A 70 -2.07 -10.49 -23.98
N ALA A 71 -2.79 -9.87 -23.04
CA ALA A 71 -4.18 -9.39 -23.23
C ALA A 71 -4.45 -8.32 -22.19
N ASP A 72 -5.57 -7.61 -22.32
CA ASP A 72 -5.96 -6.62 -21.30
C ASP A 72 -6.19 -7.37 -19.98
N GLY A 73 -5.46 -6.98 -18.93
CA GLY A 73 -5.64 -7.63 -17.62
C GLY A 73 -4.74 -8.81 -17.34
N THR A 74 -3.86 -9.18 -18.27
CA THR A 74 -2.84 -10.19 -17.96
C THR A 74 -2.02 -9.79 -16.72
N ARG A 75 -1.92 -10.66 -15.71
CA ARG A 75 -1.26 -10.24 -14.45
C ARG A 75 0.28 -10.31 -14.58
N LEU A 76 0.97 -9.31 -14.07
CA LEU A 76 2.42 -9.40 -13.90
C LEU A 76 2.75 -10.30 -12.70
N VAL A 77 3.69 -11.22 -12.91
CA VAL A 77 4.10 -12.15 -11.84
C VAL A 77 5.61 -12.32 -11.82
N ALA A 78 6.16 -12.83 -10.71
CA ALA A 78 7.56 -13.27 -10.68
C ALA A 78 7.72 -14.54 -11.52
N VAL A 79 8.74 -14.54 -12.36
CA VAL A 79 9.04 -15.72 -13.18
C VAL A 79 10.52 -16.14 -13.04
N ASN A 80 10.82 -17.42 -13.33
CA ASN A 80 12.16 -17.98 -13.14
C ASN A 80 13.18 -17.47 -14.18
N ASP A 81 12.77 -17.47 -15.45
CA ASP A 81 13.68 -17.14 -16.55
C ASP A 81 13.60 -15.64 -16.90
N PRO A 82 14.71 -15.05 -17.34
CA PRO A 82 14.70 -13.61 -17.65
C PRO A 82 13.62 -13.29 -18.69
N PHE A 83 12.86 -12.21 -18.46
CA PHE A 83 11.79 -11.86 -19.39
C PHE A 83 12.09 -10.48 -19.96
N GLU A 84 12.05 -10.36 -21.29
CA GLU A 84 12.52 -9.14 -21.97
C GLU A 84 11.43 -8.08 -22.16
N TRP A 85 11.79 -6.84 -21.79
CA TRP A 85 10.88 -5.69 -21.89
C TRP A 85 11.57 -4.65 -22.78
N HIS A 86 10.76 -3.84 -23.46
CA HIS A 86 11.28 -2.60 -24.07
C HIS A 86 10.70 -1.37 -23.39
N ILE A 87 11.50 -0.32 -23.22
CA ILE A 87 11.02 0.92 -22.61
C ILE A 87 11.06 2.11 -23.58
N TRP A 88 10.00 2.90 -23.57
CA TRP A 88 9.89 4.08 -24.45
C TRP A 88 9.58 5.31 -23.60
N ARG A 89 10.27 6.43 -23.86
CA ARG A 89 9.84 7.62 -23.13
C ARG A 89 8.40 8.09 -23.42
N ASP A 90 7.73 8.57 -22.37
CA ASP A 90 6.37 9.00 -22.47
C ASP A 90 6.20 10.38 -23.12
N GLU A 91 5.08 10.60 -23.81
CA GLU A 91 4.80 11.93 -24.39
C GLU A 91 4.33 13.01 -23.39
N ALA A 92 3.53 12.63 -22.38
CA ALA A 92 2.99 13.62 -21.45
C ALA A 92 4.03 14.10 -20.44
N ASN A 93 4.80 13.17 -19.90
CA ASN A 93 5.95 13.50 -19.07
C ASN A 93 7.18 12.76 -19.58
N GLU A 94 8.07 13.46 -20.27
CA GLU A 94 9.16 12.81 -20.99
C GLU A 94 10.27 12.22 -20.11
N ASN A 95 10.23 12.48 -18.81
CA ASN A 95 11.18 11.82 -17.90
C ASN A 95 10.64 10.47 -17.47
N ALA A 96 9.36 10.24 -17.75
CA ALA A 96 8.71 8.93 -17.46
C ALA A 96 8.69 8.00 -18.66
N PHE A 97 8.34 6.72 -18.41
CA PHE A 97 8.47 5.64 -19.38
C PHE A 97 7.18 4.82 -19.46
N ARG A 98 6.95 4.28 -20.66
CA ARG A 98 6.01 3.18 -20.85
C ARG A 98 6.80 1.90 -21.07
N ILE A 99 6.32 0.81 -20.49
CA ILE A 99 7.11 -0.40 -20.47
C ILE A 99 6.33 -1.52 -21.17
N PHE A 100 6.86 -2.02 -22.28
CA PHE A 100 6.09 -2.88 -23.24
C PHE A 100 6.58 -4.32 -23.33
N VAL A 101 5.66 -5.24 -23.59
CA VAL A 101 6.10 -6.57 -24.08
C VAL A 101 6.51 -6.36 -25.54
N PRO A 102 7.75 -6.78 -25.89
CA PRO A 102 8.26 -6.54 -27.26
C PRO A 102 7.35 -7.00 -28.38
N PHE A 103 7.26 -6.17 -29.42
CA PHE A 103 6.47 -6.46 -30.64
C PHE A 103 4.95 -6.49 -30.40
N THR A 104 4.50 -5.88 -29.31
CA THR A 104 3.08 -5.73 -29.00
C THR A 104 2.69 -4.29 -28.64
N ASN A 105 1.37 -4.08 -28.49
CA ASN A 105 0.76 -2.83 -28.01
C ASN A 105 0.45 -2.87 -26.51
N TYR A 106 0.99 -3.89 -25.81
CA TYR A 106 0.71 -4.07 -24.37
C TYR A 106 1.78 -3.50 -23.47
N ASN A 107 1.34 -2.55 -22.62
CA ASN A 107 2.22 -1.93 -21.65
C ASN A 107 1.76 -2.08 -20.19
N LEU A 108 2.68 -1.91 -19.28
CA LEU A 108 2.31 -2.01 -17.85
C LEU A 108 1.29 -0.95 -17.46
N ASP A 109 0.35 -1.39 -16.61
CA ASP A 109 -0.82 -0.61 -16.28
C ASP A 109 -1.11 -0.89 -14.80
N LEU A 110 -1.10 0.15 -13.97
CA LEU A 110 -1.60 -0.01 -12.59
C LEU A 110 -3.15 -0.01 -12.59
N SER A 111 -3.75 -1.11 -12.12
CA SER A 111 -5.17 -1.38 -12.39
C SER A 111 -6.15 -0.43 -11.71
N GLY A 112 -7.42 -0.44 -12.18
CA GLY A 112 -8.43 0.54 -11.74
C GLY A 112 -8.02 1.97 -12.02
N TYR A 113 -7.42 2.18 -13.19
CA TYR A 113 -6.97 3.52 -13.57
C TYR A 113 -6.04 4.15 -12.52
N GLY A 114 -5.11 3.34 -12.00
CA GLY A 114 -4.08 3.82 -11.10
C GLY A 114 -4.55 3.99 -9.66
N ASP A 115 -5.34 3.03 -9.19
CA ASP A 115 -5.76 2.99 -7.79
C ASP A 115 -4.58 3.08 -6.81
N THR A 116 -4.65 4.05 -5.88
CA THR A 116 -3.61 4.23 -4.85
C THR A 116 -3.68 3.24 -3.69
N THR A 117 -4.70 2.39 -3.69
CA THR A 117 -4.85 1.45 -2.56
C THR A 117 -3.66 0.47 -2.59
N PRO A 118 -2.98 0.25 -1.45
CA PRO A 118 -1.90 -0.71 -1.47
C PRO A 118 -2.43 -2.09 -1.81
N GLY A 119 -1.72 -2.80 -2.68
CA GLY A 119 -2.16 -4.12 -3.15
C GLY A 119 -2.77 -4.15 -4.54
N THR A 120 -3.03 -2.96 -5.11
CA THR A 120 -3.65 -2.88 -6.43
C THR A 120 -2.78 -3.65 -7.45
N PRO A 121 -3.39 -4.54 -8.27
CA PRO A 121 -2.55 -5.34 -9.17
C PRO A 121 -1.93 -4.55 -10.30
N VAL A 122 -0.72 -4.93 -10.70
CA VAL A 122 -0.05 -4.36 -11.87
C VAL A 122 -0.30 -5.38 -12.99
N GLN A 123 -0.73 -4.89 -14.15
CA GLN A 123 -1.19 -5.76 -15.23
C GLN A 123 -0.72 -5.22 -16.58
N LEU A 124 -0.94 -6.01 -17.62
CA LEU A 124 -0.85 -5.49 -19.00
C LEU A 124 -2.16 -4.86 -19.46
N TRP A 125 -2.04 -3.84 -20.30
CA TRP A 125 -3.23 -3.31 -20.97
C TRP A 125 -2.79 -2.66 -22.27
N TRP A 126 -3.70 -2.66 -23.27
CA TRP A 126 -3.43 -1.95 -24.55
C TRP A 126 -3.08 -0.48 -24.22
N THR A 127 -2.11 0.05 -24.95
CA THR A 127 -1.63 1.40 -24.68
C THR A 127 -2.71 2.50 -24.96
N TRP A 128 -2.89 3.39 -24.00
CA TRP A 128 -3.73 4.59 -24.22
C TRP A 128 -3.27 5.73 -23.31
N GLU A 129 -3.98 6.85 -23.30
CA GLU A 129 -3.43 8.10 -22.69
C GLU A 129 -3.42 8.19 -21.14
N GLY A 130 -3.93 7.20 -20.44
CA GLY A 130 -3.96 7.32 -18.97
C GLY A 130 -2.57 7.34 -18.31
N LEU A 131 -2.39 8.24 -17.34
CA LEU A 131 -1.10 8.45 -16.68
C LEU A 131 -0.74 7.23 -15.79
N HIS A 132 -1.71 6.37 -15.53
CA HIS A 132 -1.47 5.18 -14.71
C HIS A 132 -0.78 4.08 -15.53
N GLN A 133 -0.51 4.33 -16.82
CA GLN A 133 0.36 3.47 -17.64
C GLN A 133 1.79 4.03 -17.80
N THR A 134 2.18 4.98 -16.95
CA THR A 134 3.48 5.61 -17.12
C THR A 134 4.21 5.55 -15.77
N TRP A 135 5.53 5.47 -15.84
CA TRP A 135 6.38 5.09 -14.71
C TRP A 135 7.68 5.89 -14.71
N THR A 136 8.12 6.26 -13.52
CA THR A 136 9.49 6.75 -13.38
C THR A 136 10.43 5.65 -12.88
N ILE A 137 11.67 5.66 -13.35
CA ILE A 137 12.67 4.66 -12.92
C ILE A 137 13.69 5.42 -12.08
N ASP A 138 13.63 5.23 -10.75
CA ASP A 138 14.29 6.09 -9.76
C ASP A 138 15.37 5.33 -8.96
N ARG A 139 16.35 6.07 -8.44
CA ARG A 139 17.30 5.46 -7.53
C ARG A 139 16.53 5.01 -6.29
N PRO A 140 16.94 3.86 -5.72
CA PRO A 140 16.26 3.32 -4.54
C PRO A 140 16.43 4.16 -3.28
N SER B 1 -14.71 -4.73 -2.00
CA SER B 1 -14.68 -4.09 -0.65
C SER B 1 -14.66 -5.16 0.43
N THR B 2 -14.33 -4.75 1.65
CA THR B 2 -14.51 -5.63 2.81
C THR B 2 -15.87 -5.39 3.46
N GLN B 3 -16.50 -6.49 3.89
CA GLN B 3 -17.64 -6.41 4.79
C GLN B 3 -17.17 -6.63 6.23
N VAL B 4 -16.96 -5.54 6.95
CA VAL B 4 -16.58 -5.60 8.36
C VAL B 4 -17.66 -6.31 9.15
N SER B 5 -17.32 -7.44 9.76
CA SER B 5 -18.30 -8.23 10.51
C SER B 5 -17.92 -8.30 11.98
N SER B 6 -18.88 -8.01 12.86
CA SER B 6 -18.69 -8.16 14.30
C SER B 6 -18.14 -9.55 14.67
N GLY B 7 -17.17 -9.56 15.58
CA GLY B 7 -16.59 -10.81 16.03
C GLY B 7 -15.34 -11.24 15.26
N GLN B 8 -15.11 -10.61 14.11
CA GLN B 8 -13.95 -10.91 13.27
C GLN B 8 -12.72 -10.07 13.62
N THR B 9 -11.56 -10.61 13.29
CA THR B 9 -10.26 -9.94 13.58
C THR B 9 -9.62 -9.50 12.27
N TYR B 10 -9.15 -8.26 12.24
CA TYR B 10 -8.57 -7.70 11.00
C TYR B 10 -7.21 -7.02 11.23
N LYS B 11 -6.47 -6.82 10.15
CA LYS B 11 -5.40 -5.82 10.16
C LYS B 11 -5.89 -4.53 9.48
N ILE B 12 -5.31 -3.40 9.91
CA ILE B 12 -5.73 -2.07 9.45
C ILE B 12 -4.53 -1.34 8.84
N THR B 13 -4.56 -1.09 7.54
CA THR B 13 -3.34 -0.65 6.83
C THR B 13 -3.59 0.77 6.32
N ASN B 14 -2.64 1.65 6.53
CA ASN B 14 -2.78 3.02 6.04
C ASN B 14 -2.65 3.00 4.52
N VAL B 15 -3.50 3.78 3.86
CA VAL B 15 -3.44 3.81 2.41
C VAL B 15 -2.20 4.51 1.89
N LYS B 16 -1.84 5.65 2.47
CA LYS B 16 -0.66 6.41 2.03
C LYS B 16 0.67 5.67 2.31
N ALA B 17 0.81 5.11 3.52
CA ALA B 17 2.12 4.62 3.97
C ALA B 17 2.36 3.11 3.82
N GLY B 18 1.29 2.33 3.83
CA GLY B 18 1.40 0.89 3.75
C GLY B 18 1.76 0.19 5.05
N THR B 19 1.91 0.97 6.12
CA THR B 19 2.15 0.40 7.44
C THR B 19 0.80 0.19 8.13
N VAL B 20 0.81 -0.66 9.17
CA VAL B 20 -0.45 -1.02 9.83
C VAL B 20 -0.56 -0.39 11.22
N ILE B 21 -1.77 -0.31 11.74
CA ILE B 21 -2.04 0.13 13.11
C ILE B 21 -1.50 -0.91 14.12
N ASP B 22 -0.62 -0.46 15.02
CA ASP B 22 0.25 -1.44 15.74
C ASP B 22 0.37 -0.98 17.19
N LEU B 23 0.10 -1.89 18.13
CA LEU B 23 0.28 -1.59 19.56
C LEU B 23 1.73 -1.82 19.95
N SER B 24 2.46 -0.74 20.21
CA SER B 24 3.91 -0.82 20.44
C SER B 24 4.27 -1.92 21.44
N GLY B 25 5.17 -2.79 21.03
CA GLY B 25 5.66 -3.84 21.95
C GLY B 25 6.46 -3.27 23.09
N GLU B 26 7.11 -2.14 22.86
CA GLU B 26 8.02 -1.58 23.84
C GLU B 26 7.32 -1.02 25.08
N ASP B 27 6.17 -0.36 24.91
CA ASP B 27 5.45 0.19 26.07
C ASP B 27 4.04 -0.40 26.27
N ASN B 28 3.60 -1.21 25.30
CA ASN B 28 2.29 -1.86 25.32
C ASN B 28 1.12 -0.85 25.47
N LYS B 29 1.34 0.37 24.96
CA LYS B 29 0.35 1.44 25.13
C LYS B 29 0.22 2.34 23.88
N SER B 30 1.36 2.71 23.28
CA SER B 30 1.31 3.73 22.21
C SER B 30 0.89 3.05 20.90
N ILE B 31 0.10 3.75 20.11
CA ILE B 31 -0.38 3.21 18.83
C ILE B 31 0.44 3.88 17.74
N ILE B 32 1.04 3.02 16.92
CA ILE B 32 2.03 3.43 15.92
C ILE B 32 1.71 2.83 14.57
N GLY B 33 2.31 3.45 13.55
CA GLY B 33 2.41 2.78 12.27
C GLY B 33 3.69 1.95 12.15
N TYR B 34 3.51 0.68 11.82
CA TYR B 34 4.68 -0.23 11.74
C TYR B 34 4.48 -1.22 10.59
N PRO B 35 5.57 -1.65 9.92
CA PRO B 35 5.32 -2.69 8.92
C PRO B 35 4.68 -3.98 9.43
N TYR B 36 3.76 -4.54 8.66
CA TYR B 36 3.09 -5.78 9.07
C TYR B 36 4.04 -6.99 9.08
N HIS B 37 3.97 -7.76 10.16
CA HIS B 37 4.69 -9.03 10.28
C HIS B 37 3.84 -10.08 11.00
N SER B 38 2.51 -9.95 10.86
CA SER B 38 1.55 -10.90 11.45
C SER B 38 1.60 -10.98 12.99
N GLY B 39 1.94 -9.88 13.65
CA GLY B 39 2.00 -9.88 15.12
C GLY B 39 0.58 -9.79 15.64
N LYS B 40 0.29 -10.45 16.77
CA LYS B 40 -1.02 -10.25 17.40
C LYS B 40 -1.27 -8.80 17.84
N ASN B 41 -0.18 -8.05 18.08
CA ASN B 41 -0.25 -6.64 18.47
C ASN B 41 -0.55 -5.78 17.23
N GLN B 42 -0.64 -6.43 16.08
CA GLN B 42 -1.02 -5.76 14.81
C GLN B 42 -2.40 -6.21 14.31
N GLN B 43 -3.17 -6.85 15.20
CA GLN B 43 -4.44 -7.45 14.80
C GLN B 43 -5.48 -6.99 15.79
N TRP B 44 -6.65 -6.63 15.27
CA TRP B 44 -7.68 -5.97 16.12
C TRP B 44 -9.03 -6.69 15.93
N THR B 45 -9.68 -7.06 17.04
CA THR B 45 -10.99 -7.75 16.98
C THR B 45 -12.14 -6.75 17.06
N PHE B 46 -13.01 -6.78 16.04
CA PHE B 46 -14.07 -5.80 15.88
C PHE B 46 -15.36 -6.31 16.53
N ASN B 47 -15.93 -5.51 17.42
CA ASN B 47 -17.27 -5.78 17.97
C ASN B 47 -18.25 -4.65 17.66
N TRP B 48 -19.45 -4.97 17.20
CA TRP B 48 -20.48 -3.95 16.99
C TRP B 48 -21.44 -3.93 18.18
N THR B 49 -21.56 -2.77 18.84
CA THR B 49 -22.19 -2.67 20.15
C THR B 49 -23.72 -2.51 20.00
N GLY B 50 -24.15 -2.28 18.78
CA GLY B 50 -25.52 -1.86 18.50
C GLY B 50 -25.57 -0.46 17.93
N LYS B 51 -24.55 0.35 18.23
CA LYS B 51 -24.48 1.72 17.71
C LYS B 51 -23.10 2.15 17.24
N ALA B 52 -22.08 1.35 17.56
CA ALA B 52 -20.70 1.78 17.27
C ALA B 52 -19.78 0.56 17.31
N TRP B 53 -18.52 0.75 16.92
CA TRP B 53 -17.52 -0.34 16.90
C TRP B 53 -16.47 -0.17 18.02
N THR B 54 -16.14 -1.26 18.72
CA THR B 54 -14.92 -1.29 19.55
C THR B 54 -13.87 -2.18 18.91
N LEU B 55 -12.58 -1.82 19.12
CA LEU B 55 -11.44 -2.48 18.47
C LEU B 55 -10.48 -2.97 19.57
N ARG B 56 -10.45 -4.30 19.75
CA ARG B 56 -9.74 -4.93 20.87
C ARG B 56 -8.41 -5.52 20.35
N SER B 57 -7.32 -5.21 21.05
CA SER B 57 -6.03 -5.80 20.68
C SER B 57 -6.02 -7.33 20.79
N ALA B 58 -5.61 -8.02 19.73
CA ALA B 58 -5.48 -9.50 19.79
C ALA B 58 -4.35 -9.99 20.71
N SER B 59 -3.35 -9.15 20.97
CA SER B 59 -2.29 -9.54 21.91
C SER B 59 -2.61 -9.25 23.38
N SER B 60 -2.96 -8.00 23.71
CA SER B 60 -3.07 -7.55 25.13
C SER B 60 -4.51 -7.61 25.67
N GLY B 61 -5.49 -7.54 24.79
CA GLY B 61 -6.90 -7.44 25.26
C GLY B 61 -7.35 -6.07 25.72
N SER B 62 -6.49 -5.05 25.58
CA SER B 62 -6.88 -3.67 25.74
CA SER B 62 -6.88 -3.67 25.74
C SER B 62 -7.58 -3.18 24.48
N TYR B 63 -8.08 -1.95 24.48
CA TYR B 63 -8.88 -1.46 23.33
C TYR B 63 -8.21 -0.27 22.70
N LEU B 64 -8.40 -0.10 21.40
CA LEU B 64 -7.99 1.17 20.76
C LEU B 64 -8.83 2.35 21.27
N GLY B 65 -8.16 3.37 21.79
CA GLY B 65 -8.84 4.55 22.31
C GLY B 65 -7.98 5.79 22.29
N ILE B 66 -8.46 6.79 23.01
CA ILE B 66 -7.75 8.04 23.28
C ILE B 66 -8.06 8.35 24.76
N GLU B 67 -7.27 9.28 25.28
CA GLU B 67 -7.42 9.81 26.64
C GLU B 67 -7.58 11.34 26.65
N GLY B 68 -6.93 12.03 25.71
CA GLY B 68 -7.08 13.48 25.58
C GLY B 68 -8.41 13.90 24.97
N THR B 69 -8.66 15.20 24.87
CA THR B 69 -9.88 15.69 24.21
C THR B 69 -9.60 15.63 22.72
N PRO B 70 -10.63 15.32 21.89
CA PRO B 70 -10.33 15.20 20.47
C PRO B 70 -9.86 16.54 19.91
N ALA B 71 -8.74 16.52 19.22
CA ALA B 71 -8.20 17.71 18.61
C ALA B 71 -7.14 17.22 17.65
N ASP B 72 -6.65 18.09 16.78
CA ASP B 72 -5.51 17.77 15.93
C ASP B 72 -4.28 17.38 16.76
N GLY B 73 -3.80 16.16 16.58
CA GLY B 73 -2.61 15.69 17.30
C GLY B 73 -2.88 14.79 18.50
N THR B 74 -4.12 14.70 18.97
CA THR B 74 -4.42 13.78 20.08
C THR B 74 -3.95 12.36 19.72
N ARG B 75 -3.13 11.75 20.60
CA ARG B 75 -2.54 10.45 20.29
C ARG B 75 -3.51 9.33 20.60
N LEU B 76 -3.52 8.30 19.75
CA LEU B 76 -4.22 7.04 20.08
C LEU B 76 -3.37 6.22 21.05
N VAL B 77 -4.05 5.65 22.05
CA VAL B 77 -3.38 4.82 23.08
C VAL B 77 -4.27 3.60 23.31
N ALA B 78 -3.69 2.55 23.88
CA ALA B 78 -4.48 1.46 24.44
C ALA B 78 -5.17 1.93 25.73
N VAL B 79 -6.43 1.54 25.88
CA VAL B 79 -7.19 1.81 27.09
C VAL B 79 -7.80 0.51 27.59
N ASN B 80 -8.17 0.46 28.87
CA ASN B 80 -8.62 -0.82 29.43
C ASN B 80 -10.04 -1.21 29.07
N ASP B 81 -10.93 -0.22 28.99
CA ASP B 81 -12.35 -0.49 28.71
C ASP B 81 -12.73 -0.17 27.26
N PRO B 82 -13.79 -0.81 26.75
CA PRO B 82 -14.19 -0.62 25.34
C PRO B 82 -14.47 0.84 24.98
N PHE B 83 -13.82 1.32 23.90
CA PHE B 83 -13.97 2.69 23.47
C PHE B 83 -14.65 2.64 22.10
N GLU B 84 -15.72 3.43 21.95
CA GLU B 84 -16.53 3.37 20.74
C GLU B 84 -16.03 4.29 19.62
N TRP B 85 -16.06 3.75 18.41
CA TRP B 85 -15.66 4.42 17.16
C TRP B 85 -16.81 4.34 16.17
N HIS B 86 -16.92 5.34 15.30
CA HIS B 86 -17.73 5.17 14.11
C HIS B 86 -16.84 4.95 12.89
N ILE B 87 -17.28 4.05 12.04
CA ILE B 87 -16.45 3.66 10.90
C ILE B 87 -17.25 3.80 9.62
N TRP B 88 -16.75 4.61 8.68
CA TRP B 88 -17.44 4.81 7.40
C TRP B 88 -16.58 4.42 6.22
N ARG B 89 -17.16 3.80 5.18
CA ARG B 89 -16.39 3.70 3.93
C ARG B 89 -16.02 5.08 3.47
N ASP B 90 -14.82 5.22 2.92
CA ASP B 90 -14.42 6.49 2.36
C ASP B 90 -15.29 6.70 1.12
N GLU B 91 -15.76 7.92 0.90
CA GLU B 91 -16.56 8.21 -0.28
C GLU B 91 -15.76 8.15 -1.59
N ALA B 92 -14.50 8.59 -1.56
CA ALA B 92 -13.74 8.65 -2.80
C ALA B 92 -13.07 7.33 -3.19
N ASN B 93 -12.72 6.53 -2.16
CA ASN B 93 -12.09 5.21 -2.35
C ASN B 93 -12.92 4.14 -1.65
N GLU B 94 -13.68 3.39 -2.43
CA GLU B 94 -14.62 2.39 -1.90
C GLU B 94 -13.93 1.23 -1.19
N ASN B 95 -12.64 1.07 -1.44
CA ASN B 95 -11.87 0.01 -0.76
C ASN B 95 -11.24 0.45 0.58
N ALA B 96 -11.55 1.68 1.01
CA ALA B 96 -10.97 2.23 2.23
C ALA B 96 -12.02 2.79 3.17
N PHE B 97 -11.57 3.08 4.38
CA PHE B 97 -12.40 3.54 5.49
C PHE B 97 -11.80 4.76 6.23
N ARG B 98 -12.69 5.54 6.86
CA ARG B 98 -12.28 6.53 7.87
C ARG B 98 -12.89 6.14 9.21
N ILE B 99 -12.12 6.34 10.26
CA ILE B 99 -12.48 5.92 11.60
C ILE B 99 -12.55 7.17 12.49
N PHE B 100 -13.73 7.46 13.04
CA PHE B 100 -14.03 8.75 13.67
C PHE B 100 -14.29 8.54 15.16
N VAL B 101 -13.92 9.51 15.96
CA VAL B 101 -14.54 9.62 17.29
C VAL B 101 -16.01 9.98 17.08
N PRO B 102 -16.94 9.20 17.68
CA PRO B 102 -18.36 9.36 17.45
C PRO B 102 -18.82 10.82 17.68
N PHE B 103 -19.59 11.33 16.71
CA PHE B 103 -20.18 12.69 16.75
C PHE B 103 -19.19 13.80 16.51
N THR B 104 -17.95 13.43 16.13
CA THR B 104 -16.93 14.44 15.86
C THR B 104 -16.49 14.37 14.40
N ASN B 105 -15.81 15.42 13.98
CA ASN B 105 -15.14 15.45 12.68
C ASN B 105 -13.64 15.18 12.81
N TYR B 106 -13.27 14.41 13.85
CA TYR B 106 -11.88 14.02 14.06
C TYR B 106 -11.70 12.54 13.72
N ASN B 107 -10.80 12.25 12.78
CA ASN B 107 -10.59 10.88 12.29
C ASN B 107 -9.12 10.43 12.39
N LEU B 108 -8.92 9.12 12.46
CA LEU B 108 -7.55 8.59 12.56
C LEU B 108 -6.70 9.08 11.40
N ASP B 109 -5.51 9.55 11.73
CA ASP B 109 -4.56 10.16 10.80
C ASP B 109 -3.14 9.60 11.13
N LEU B 110 -2.42 9.05 10.14
CA LEU B 110 -1.02 8.63 10.38
C LEU B 110 -0.14 9.85 10.25
N SER B 111 0.59 10.18 11.32
CA SER B 111 1.15 11.53 11.46
C SER B 111 2.23 11.84 10.41
N GLY B 112 2.47 13.13 10.21
CA GLY B 112 3.46 13.53 9.19
C GLY B 112 3.00 13.26 7.78
N TYR B 113 1.70 13.40 7.54
CA TYR B 113 1.11 13.15 6.23
C TYR B 113 1.43 11.72 5.74
N GLY B 114 1.36 10.77 6.69
CA GLY B 114 1.53 9.34 6.35
C GLY B 114 2.99 8.91 6.28
N ASP B 115 3.80 9.36 7.23
CA ASP B 115 5.22 9.00 7.29
C ASP B 115 5.36 7.47 7.40
N THR B 116 6.15 6.85 6.49
CA THR B 116 6.35 5.38 6.50
C THR B 116 7.28 4.86 7.60
N THR B 117 8.02 5.77 8.23
CA THR B 117 8.95 5.43 9.29
C THR B 117 8.27 4.55 10.36
N PRO B 118 8.85 3.38 10.65
CA PRO B 118 8.27 2.56 11.73
C PRO B 118 8.27 3.31 13.06
N GLY B 119 7.15 3.21 13.81
CA GLY B 119 6.97 4.02 15.01
C GLY B 119 6.26 5.36 14.90
N THR B 120 5.97 5.80 13.68
CA THR B 120 5.20 7.04 13.45
C THR B 120 3.86 6.97 14.21
N PRO B 121 3.57 7.98 15.05
CA PRO B 121 2.33 7.88 15.83
C PRO B 121 1.06 7.92 14.98
N VAL B 122 0.04 7.17 15.40
CA VAL B 122 -1.32 7.36 14.89
C VAL B 122 -2.07 8.31 15.80
N GLN B 123 -2.68 9.36 15.21
CA GLN B 123 -3.29 10.44 15.98
C GLN B 123 -4.70 10.77 15.42
N LEU B 124 -5.42 11.66 16.10
CA LEU B 124 -6.62 12.31 15.50
C LEU B 124 -6.25 13.53 14.68
N TRP B 125 -7.11 13.88 13.72
CA TRP B 125 -6.99 15.12 12.96
C TRP B 125 -8.32 15.37 12.27
N TRP B 126 -8.62 16.65 12.11
CA TRP B 126 -9.73 17.15 11.31
C TRP B 126 -9.73 16.52 9.93
N THR B 127 -10.92 16.23 9.41
CA THR B 127 -11.00 15.53 8.12
C THR B 127 -10.62 16.42 6.92
N TRP B 128 -9.71 15.90 6.10
CA TRP B 128 -9.45 16.50 4.77
C TRP B 128 -8.97 15.41 3.83
N GLU B 129 -8.56 15.77 2.61
CA GLU B 129 -8.39 14.82 1.49
C GLU B 129 -7.34 13.72 1.68
N GLY B 130 -6.28 14.03 2.44
CA GLY B 130 -5.04 13.27 2.51
C GLY B 130 -5.25 11.79 2.72
N LEU B 131 -4.63 11.02 1.84
CA LEU B 131 -4.74 9.55 1.86
C LEU B 131 -4.31 8.95 3.19
N HIS B 132 -3.49 9.66 3.97
CA HIS B 132 -3.03 9.14 5.27
C HIS B 132 -4.13 9.15 6.32
N GLN B 133 -5.29 9.69 5.97
CA GLN B 133 -6.49 9.55 6.84
C GLN B 133 -7.40 8.40 6.42
N THR B 134 -6.95 7.57 5.46
CA THR B 134 -7.81 6.46 4.96
C THR B 134 -7.10 5.11 5.13
N TRP B 135 -7.86 4.04 5.35
CA TRP B 135 -7.32 2.80 5.91
C TRP B 135 -8.05 1.65 5.23
N THR B 136 -7.30 0.60 4.87
CA THR B 136 -7.98 -0.65 4.52
C THR B 136 -8.14 -1.54 5.74
N ILE B 137 -9.20 -2.36 5.71
CA ILE B 137 -9.46 -3.31 6.78
C ILE B 137 -9.57 -4.70 6.14
N ASP B 138 -8.66 -5.61 6.51
CA ASP B 138 -8.31 -6.80 5.72
C ASP B 138 -8.12 -7.98 6.66
N ARG B 139 -8.30 -9.20 6.15
CA ARG B 139 -7.92 -10.38 6.94
C ARG B 139 -6.43 -10.38 7.32
N PRO B 140 -6.09 -10.84 8.55
CA PRO B 140 -4.72 -10.88 9.01
C PRO B 140 -3.89 -11.84 8.19
#